data_9AV0
#
_entry.id   9AV0
#
_cell.length_a   104.442
_cell.length_b   104.442
_cell.length_c   64.413
_cell.angle_alpha   90.00
_cell.angle_beta   90.00
_cell.angle_gamma   90.00
#
_symmetry.space_group_name_H-M   'I 4'
#
loop_
_entity.id
_entity.type
_entity.pdbx_description
1 polymer "Inosine-5'-monophosphate dehydrogenase"
2 non-polymer 'INOSINIC ACID'
3 non-polymer 9-{(1R)-1-[(5P)-5-(4-chloro-1H-imidazol-2-yl)pyridin-3-yl]ethoxy}-1,4-dihydro-2H-pyrano[3,4-c]quinoline
4 water water
#
_entity_poly.entity_id   1
_entity_poly.type   'polypeptide(L)'
_entity_poly.pdbx_seq_one_letter_code
;MHHHHHHGENLYFQGSWESKFAKESLTFDDVLLIPAQSDILPKDVDLSVQLSDKVKLNIPVISAGMDTVTESKMAIAMAR
QGGLGVIHKNMGVEEQADEVQKVKRSGGLLVAAAIGISKDTDIRAQKLVEAGVDVLVIDTAHGHSKGVIDQVKHIKKTYP
EITLVAGNVATAEATKDLFEAGADIVKVGIGPGSICTTRVVAGVGVPQITAIYDCATEARKHGKAIIADGGIKFSGDIIK
ALAAGGHAVMLGSLLAGTEESPGATEIFQGRQYKVYRGMGSLGAMEKGSNDRYFQEDKAPKKFVPEGIEGRTAYKGALQD
TIYQLMGGVRAGMGYTGSHDLRELREEAQFTRMGPAGLAESHPHNIQITKESPNYSFGNS
;
_entity_poly.pdbx_strand_id   A
#
# COMPACT_ATOMS: atom_id res chain seq x y z
N GLY A 15 19.25 -11.71 27.94
CA GLY A 15 17.84 -12.00 27.73
C GLY A 15 17.08 -10.91 27.01
N SER A 16 15.74 -10.86 27.22
N SER A 16 15.74 -10.87 27.23
CA SER A 16 14.85 -9.87 26.62
CA SER A 16 14.83 -9.88 26.64
C SER A 16 15.06 -8.46 27.18
C SER A 16 15.07 -8.47 27.19
N TRP A 17 15.54 -8.36 28.43
CA TRP A 17 15.85 -7.09 29.11
C TRP A 17 17.11 -6.47 28.49
N GLU A 18 18.10 -7.32 28.17
CA GLU A 18 19.39 -6.96 27.61
C GLU A 18 19.33 -6.51 26.16
N SER A 19 18.36 -7.03 25.38
CA SER A 19 18.19 -6.72 23.96
C SER A 19 17.16 -5.61 23.69
N LYS A 20 16.63 -5.01 24.76
CA LYS A 20 15.60 -3.95 24.71
C LYS A 20 15.82 -2.87 23.67
N PHE A 21 17.07 -2.37 23.56
CA PHE A 21 17.50 -1.28 22.68
C PHE A 21 18.56 -1.68 21.66
N ALA A 22 18.67 -2.98 21.32
CA ALA A 22 19.67 -3.45 20.36
C ALA A 22 19.36 -3.05 18.92
N LYS A 23 18.08 -3.09 18.51
CA LYS A 23 17.68 -2.79 17.13
C LYS A 23 17.83 -1.33 16.70
N GLU A 24 18.34 -1.14 15.47
N GLU A 24 18.35 -1.11 15.47
CA GLU A 24 18.55 0.13 14.77
CA GLU A 24 18.51 0.19 14.83
C GLU A 24 17.74 0.07 13.48
C GLU A 24 17.79 0.12 13.49
N SER A 25 16.95 1.12 13.18
CA SER A 25 16.14 1.14 11.97
C SER A 25 16.30 2.41 11.13
N LEU A 26 15.98 2.29 9.84
CA LEU A 26 16.13 3.37 8.89
C LEU A 26 14.83 3.81 8.26
N THR A 27 14.71 5.10 7.93
CA THR A 27 13.57 5.65 7.21
C THR A 27 14.05 6.08 5.81
N PHE A 28 13.15 6.61 4.96
CA PHE A 28 13.46 7.06 3.59
C PHE A 28 14.54 8.14 3.52
N ASP A 29 14.49 9.12 4.42
CA ASP A 29 15.44 10.23 4.46
C ASP A 29 16.83 9.83 4.90
N ASP A 30 17.00 8.65 5.54
CA ASP A 30 18.30 8.15 6.00
C ASP A 30 19.20 7.58 4.88
N VAL A 31 18.57 7.16 3.76
CA VAL A 31 19.23 6.46 2.66
C VAL A 31 19.04 7.12 1.29
N LEU A 32 19.92 6.77 0.35
CA LEU A 32 19.93 7.15 -1.07
C LEU A 32 20.49 5.96 -1.86
N LEU A 33 20.05 5.80 -3.12
CA LEU A 33 20.50 4.72 -3.99
C LEU A 33 21.79 5.07 -4.68
N ILE A 34 22.71 4.11 -4.71
CA ILE A 34 24.03 4.27 -5.30
C ILE A 34 23.93 4.10 -6.83
N PRO A 35 24.39 5.08 -7.64
CA PRO A 35 24.33 4.92 -9.09
C PRO A 35 25.28 3.82 -9.57
N ALA A 36 24.78 2.87 -10.39
CA ALA A 36 25.56 1.75 -10.91
C ALA A 36 25.56 1.68 -12.45
N GLN A 37 26.33 0.70 -13.01
CA GLN A 37 26.49 0.44 -14.44
C GLN A 37 25.11 0.35 -15.11
N SER A 38 24.91 1.16 -16.17
CA SER A 38 23.64 1.24 -16.89
C SER A 38 23.75 0.99 -18.40
N ASP A 39 22.88 0.10 -18.91
CA ASP A 39 22.76 -0.25 -20.33
C ASP A 39 21.43 0.25 -20.86
N ILE A 40 20.38 0.22 -20.02
CA ILE A 40 19.01 0.61 -20.34
C ILE A 40 18.73 2.09 -20.00
N LEU A 41 17.94 2.75 -20.87
CA LEU A 41 17.50 4.14 -20.72
C LEU A 41 16.23 4.18 -19.84
N PRO A 42 15.99 5.28 -19.07
CA PRO A 42 14.77 5.35 -18.24
C PRO A 42 13.47 5.02 -18.98
N LYS A 43 13.30 5.59 -20.19
CA LYS A 43 12.12 5.41 -21.06
C LYS A 43 11.81 3.94 -21.42
N ASP A 44 12.83 3.05 -21.36
CA ASP A 44 12.69 1.63 -21.74
C ASP A 44 12.65 0.61 -20.59
N VAL A 45 12.88 1.04 -19.32
CA VAL A 45 12.89 0.11 -18.17
C VAL A 45 11.51 -0.54 -17.96
N ASP A 46 11.51 -1.77 -17.42
CA ASP A 46 10.27 -2.51 -17.17
C ASP A 46 9.74 -2.20 -15.77
N LEU A 47 8.51 -1.64 -15.71
CA LEU A 47 7.84 -1.27 -14.46
C LEU A 47 6.87 -2.34 -13.98
N SER A 48 6.62 -3.39 -14.79
CA SER A 48 5.69 -4.47 -14.48
C SER A 48 6.12 -5.34 -13.29
N VAL A 49 5.14 -5.87 -12.54
CA VAL A 49 5.36 -6.73 -11.37
C VAL A 49 4.23 -7.75 -11.17
N GLN A 50 4.60 -9.02 -10.91
CA GLN A 50 3.69 -10.14 -10.67
C GLN A 50 3.54 -10.28 -9.15
N LEU A 51 2.37 -9.88 -8.61
CA LEU A 51 2.06 -9.91 -7.18
C LEU A 51 1.63 -11.30 -6.71
N SER A 52 0.79 -11.96 -7.51
CA SER A 52 0.29 -13.31 -7.29
C SER A 52 0.19 -13.98 -8.66
N ASP A 53 -0.27 -15.24 -8.71
N ASP A 53 -0.27 -15.24 -8.71
CA ASP A 53 -0.43 -15.98 -9.97
CA ASP A 53 -0.44 -15.99 -9.96
C ASP A 53 -1.50 -15.35 -10.88
C ASP A 53 -1.49 -15.34 -10.88
N LYS A 54 -2.56 -14.79 -10.27
CA LYS A 54 -3.68 -14.13 -10.97
C LYS A 54 -3.52 -12.61 -11.18
N VAL A 55 -2.76 -11.92 -10.31
CA VAL A 55 -2.61 -10.46 -10.40
C VAL A 55 -1.21 -10.04 -10.89
N LYS A 56 -1.18 -9.14 -11.89
CA LYS A 56 0.03 -8.58 -12.50
C LYS A 56 -0.29 -7.16 -12.96
N LEU A 57 0.55 -6.18 -12.54
CA LEU A 57 0.38 -4.77 -12.86
C LEU A 57 1.48 -4.26 -13.80
N ASN A 58 1.18 -3.20 -14.57
CA ASN A 58 2.11 -2.57 -15.52
C ASN A 58 3.01 -1.52 -14.86
N ILE A 59 2.53 -0.95 -13.73
CA ILE A 59 3.23 0.01 -12.87
C ILE A 59 3.12 -0.51 -11.42
N PRO A 60 4.19 -0.43 -10.59
CA PRO A 60 4.10 -0.99 -9.22
C PRO A 60 3.43 -0.06 -8.22
N VAL A 61 2.28 0.54 -8.59
CA VAL A 61 1.55 1.49 -7.74
C VAL A 61 0.14 1.01 -7.50
N ILE A 62 -0.26 0.99 -6.22
CA ILE A 62 -1.59 0.63 -5.76
C ILE A 62 -2.11 1.83 -4.97
N SER A 63 -3.38 2.25 -5.20
CA SER A 63 -3.96 3.34 -4.44
C SER A 63 -4.51 2.79 -3.11
N ALA A 64 -4.48 3.60 -2.06
CA ALA A 64 -4.84 3.22 -0.69
C ALA A 64 -6.33 2.94 -0.45
N GLY A 65 -6.61 2.00 0.46
CA GLY A 65 -7.96 1.64 0.86
C GLY A 65 -8.52 2.65 1.83
N MET A 66 -8.62 3.91 1.37
CA MET A 66 -9.05 5.06 2.16
C MET A 66 -10.25 5.79 1.55
N ASP A 67 -11.07 6.44 2.44
CA ASP A 67 -12.29 7.18 2.09
C ASP A 67 -12.03 8.55 1.44
N THR A 68 -10.77 9.01 1.44
CA THR A 68 -10.37 10.27 0.81
C THR A 68 -9.39 9.96 -0.34
N VAL A 69 -9.27 8.66 -0.71
CA VAL A 69 -8.36 8.18 -1.74
C VAL A 69 -9.06 7.30 -2.81
N THR A 70 -9.64 6.15 -2.44
CA THR A 70 -10.18 5.24 -3.46
C THR A 70 -11.65 4.81 -3.36
N GLU A 71 -12.36 5.02 -4.48
CA GLU A 71 -13.70 4.59 -4.84
C GLU A 71 -13.56 4.14 -6.32
N SER A 72 -14.66 3.78 -7.02
CA SER A 72 -14.60 3.29 -8.40
C SER A 72 -13.83 4.19 -9.37
N LYS A 73 -13.99 5.53 -9.25
CA LYS A 73 -13.32 6.54 -10.08
C LYS A 73 -11.78 6.42 -10.02
N MET A 74 -11.22 6.31 -8.79
CA MET A 74 -9.79 6.15 -8.55
C MET A 74 -9.30 4.83 -9.14
N ALA A 75 -9.95 3.71 -8.77
CA ALA A 75 -9.63 2.35 -9.23
C ALA A 75 -9.60 2.22 -10.75
N ILE A 76 -10.58 2.85 -11.44
CA ILE A 76 -10.69 2.85 -12.90
C ILE A 76 -9.49 3.56 -13.50
N ALA A 77 -9.18 4.80 -13.01
CA ALA A 77 -8.05 5.61 -13.49
C ALA A 77 -6.70 4.94 -13.21
N MET A 78 -6.58 4.31 -12.02
CA MET A 78 -5.39 3.56 -11.58
C MET A 78 -5.17 2.36 -12.49
N ALA A 79 -6.22 1.53 -12.69
CA ALA A 79 -6.18 0.34 -13.55
C ALA A 79 -5.86 0.67 -15.01
N ARG A 80 -6.34 1.84 -15.52
CA ARG A 80 -6.06 2.30 -16.89
C ARG A 80 -4.58 2.67 -17.07
N GLN A 81 -3.96 3.28 -16.04
CA GLN A 81 -2.54 3.67 -16.06
C GLN A 81 -1.58 2.47 -15.83
N GLY A 82 -2.16 1.31 -15.53
CA GLY A 82 -1.42 0.07 -15.31
C GLY A 82 -1.23 -0.32 -13.86
N GLY A 83 -2.03 0.28 -12.98
CA GLY A 83 -1.98 0.04 -11.55
C GLY A 83 -3.20 -0.66 -10.99
N LEU A 84 -3.48 -0.44 -9.70
CA LEU A 84 -4.59 -1.03 -8.97
C LEU A 84 -5.16 -0.04 -7.95
N GLY A 85 -6.42 -0.26 -7.57
CA GLY A 85 -7.14 0.51 -6.56
C GLY A 85 -7.85 -0.36 -5.56
N VAL A 86 -7.73 -0.02 -4.26
CA VAL A 86 -8.36 -0.76 -3.17
C VAL A 86 -9.56 0.05 -2.67
N ILE A 87 -10.80 -0.43 -2.94
CA ILE A 87 -12.03 0.25 -2.50
C ILE A 87 -12.14 0.11 -0.98
N HIS A 88 -12.28 1.24 -0.27
CA HIS A 88 -12.37 1.28 1.18
C HIS A 88 -13.65 0.65 1.73
N LYS A 89 -13.58 0.16 2.98
CA LYS A 89 -14.69 -0.49 3.70
C LYS A 89 -15.54 0.48 4.55
N ASN A 90 -15.20 1.78 4.54
N ASN A 90 -15.21 1.79 4.54
CA ASN A 90 -15.91 2.81 5.32
CA ASN A 90 -15.92 2.81 5.31
C ASN A 90 -17.16 3.34 4.56
C ASN A 90 -17.15 3.34 4.55
N MET A 91 -18.11 2.42 4.31
CA MET A 91 -19.40 2.65 3.62
C MET A 91 -20.32 1.44 3.89
N GLY A 92 -21.49 1.43 3.25
CA GLY A 92 -22.44 0.30 3.36
C GLY A 92 -21.95 -0.89 2.56
N VAL A 93 -22.32 -2.11 3.00
CA VAL A 93 -21.95 -3.39 2.35
C VAL A 93 -22.43 -3.41 0.89
N GLU A 94 -23.65 -2.89 0.65
CA GLU A 94 -24.28 -2.80 -0.67
C GLU A 94 -23.52 -1.88 -1.61
N GLU A 95 -23.14 -0.67 -1.13
CA GLU A 95 -22.40 0.34 -1.89
C GLU A 95 -21.02 -0.12 -2.33
N GLN A 96 -20.28 -0.84 -1.45
CA GLN A 96 -18.94 -1.36 -1.74
C GLN A 96 -18.98 -2.41 -2.84
N ALA A 97 -20.04 -3.25 -2.85
CA ALA A 97 -20.27 -4.26 -3.88
C ALA A 97 -20.56 -3.58 -5.22
N ASP A 98 -21.31 -2.45 -5.20
N ASP A 98 -21.31 -2.45 -5.20
CA ASP A 98 -21.68 -1.67 -6.37
CA ASP A 98 -21.67 -1.66 -6.38
C ASP A 98 -20.47 -0.98 -7.04
C ASP A 98 -20.45 -1.00 -7.05
N GLU A 99 -19.45 -0.62 -6.24
CA GLU A 99 -18.21 0.04 -6.69
C GLU A 99 -17.32 -0.92 -7.50
N VAL A 100 -17.23 -2.19 -7.06
CA VAL A 100 -16.47 -3.26 -7.72
C VAL A 100 -17.01 -3.53 -9.13
N GLN A 101 -18.35 -3.59 -9.28
CA GLN A 101 -19.05 -3.83 -10.56
C GLN A 101 -18.71 -2.76 -11.59
N LYS A 102 -18.68 -1.48 -11.16
CA LYS A 102 -18.37 -0.32 -12.01
C LYS A 102 -16.99 -0.40 -12.66
N VAL A 103 -15.98 -0.88 -11.92
CA VAL A 103 -14.60 -1.03 -12.39
C VAL A 103 -14.51 -2.16 -13.44
N LYS A 104 -15.19 -3.29 -13.18
CA LYS A 104 -15.25 -4.45 -14.07
C LYS A 104 -15.98 -4.15 -15.39
N ARG A 105 -17.05 -3.34 -15.33
N ARG A 105 -17.05 -3.34 -15.33
CA ARG A 105 -17.84 -2.93 -16.49
CA ARG A 105 -17.85 -2.92 -16.49
C ARG A 105 -17.13 -1.83 -17.31
C ARG A 105 -17.13 -1.84 -17.32
N SER A 106 -16.02 -1.29 -16.79
CA SER A 106 -15.22 -0.25 -17.44
C SER A 106 -14.04 -0.80 -18.29
N GLY A 107 -14.18 -2.04 -18.77
CA GLY A 107 -13.20 -2.69 -19.63
C GLY A 107 -12.57 -3.98 -19.14
N GLY A 108 -13.12 -4.55 -18.06
CA GLY A 108 -12.59 -5.77 -17.45
C GLY A 108 -11.26 -5.53 -16.78
N LEU A 109 -11.21 -4.49 -15.93
CA LEU A 109 -10.00 -4.05 -15.25
C LEU A 109 -9.81 -4.73 -13.89
N LEU A 110 -8.54 -4.79 -13.41
CA LEU A 110 -8.19 -5.36 -12.11
C LEU A 110 -8.69 -4.43 -11.00
N VAL A 111 -9.31 -5.00 -9.95
CA VAL A 111 -9.86 -4.22 -8.84
C VAL A 111 -9.69 -4.96 -7.49
N ALA A 112 -9.47 -4.19 -6.41
CA ALA A 112 -9.28 -4.69 -5.05
C ALA A 112 -10.27 -4.03 -4.09
N ALA A 113 -10.55 -4.69 -2.95
CA ALA A 113 -11.47 -4.17 -1.92
C ALA A 113 -10.98 -4.52 -0.52
N ALA A 114 -11.31 -3.67 0.46
CA ALA A 114 -10.91 -3.82 1.86
C ALA A 114 -11.98 -4.47 2.74
N ILE A 115 -11.53 -5.27 3.73
CA ILE A 115 -12.35 -5.98 4.73
C ILE A 115 -11.68 -5.99 6.10
N GLY A 116 -12.49 -6.11 7.15
CA GLY A 116 -12.01 -6.12 8.54
C GLY A 116 -11.92 -7.50 9.15
N ILE A 117 -12.19 -7.59 10.47
CA ILE A 117 -12.18 -8.84 11.24
C ILE A 117 -13.46 -9.00 12.09
N SER A 118 -14.40 -8.04 11.96
CA SER A 118 -15.67 -7.99 12.68
C SER A 118 -16.72 -8.97 12.09
N LYS A 119 -17.97 -8.90 12.60
CA LYS A 119 -19.08 -9.75 12.17
C LYS A 119 -19.51 -9.53 10.72
N ASP A 120 -19.62 -8.25 10.29
CA ASP A 120 -20.03 -7.82 8.94
C ASP A 120 -19.09 -8.28 7.80
N THR A 121 -17.87 -8.73 8.15
CA THR A 121 -16.84 -9.19 7.21
C THR A 121 -17.28 -10.37 6.34
N ASP A 122 -17.83 -11.43 6.98
CA ASP A 122 -18.28 -12.68 6.34
C ASP A 122 -19.27 -12.44 5.19
N ILE A 123 -20.24 -11.53 5.38
CA ILE A 123 -21.24 -11.17 4.38
C ILE A 123 -20.71 -10.12 3.39
N ARG A 124 -19.74 -9.29 3.83
CA ARG A 124 -19.10 -8.26 3.00
C ARG A 124 -18.22 -8.93 1.94
N ALA A 125 -17.43 -9.94 2.35
CA ALA A 125 -16.52 -10.71 1.49
C ALA A 125 -17.24 -11.45 0.35
N GLN A 126 -18.46 -11.94 0.61
N GLN A 126 -18.46 -11.96 0.60
CA GLN A 126 -19.29 -12.67 -0.35
CA GLN A 126 -19.26 -12.68 -0.40
C GLN A 126 -19.80 -11.76 -1.48
C GLN A 126 -19.78 -11.75 -1.49
N LYS A 127 -20.31 -10.57 -1.11
CA LYS A 127 -20.84 -9.57 -2.06
C LYS A 127 -19.77 -8.94 -2.95
N LEU A 128 -18.52 -8.83 -2.44
CA LEU A 128 -17.40 -8.28 -3.21
C LEU A 128 -16.91 -9.25 -4.28
N VAL A 129 -16.78 -10.55 -3.94
CA VAL A 129 -16.36 -11.63 -4.86
C VAL A 129 -17.39 -11.80 -5.97
N GLU A 130 -18.70 -11.78 -5.60
CA GLU A 130 -19.84 -11.89 -6.51
C GLU A 130 -19.75 -10.83 -7.63
N ALA A 131 -19.46 -9.56 -7.24
CA ALA A 131 -19.32 -8.41 -8.12
C ALA A 131 -18.19 -8.56 -9.16
N GLY A 132 -17.21 -9.41 -8.87
CA GLY A 132 -16.09 -9.69 -9.75
C GLY A 132 -14.73 -9.21 -9.30
N VAL A 133 -14.53 -9.03 -7.97
CA VAL A 133 -13.27 -8.57 -7.39
C VAL A 133 -12.14 -9.60 -7.64
N ASP A 134 -10.91 -9.09 -7.85
CA ASP A 134 -9.74 -9.91 -8.11
C ASP A 134 -8.98 -10.23 -6.82
N VAL A 135 -8.94 -9.26 -5.89
CA VAL A 135 -8.19 -9.40 -4.64
C VAL A 135 -8.92 -8.76 -3.44
N LEU A 136 -8.88 -9.47 -2.28
CA LEU A 136 -9.46 -9.05 -1.00
C LEU A 136 -8.33 -8.63 -0.05
N VAL A 137 -8.47 -7.45 0.57
CA VAL A 137 -7.47 -6.88 1.47
C VAL A 137 -7.96 -6.84 2.91
N ILE A 138 -7.31 -7.60 3.80
CA ILE A 138 -7.68 -7.56 5.22
C ILE A 138 -6.97 -6.34 5.82
N ASP A 139 -7.64 -5.17 5.75
CA ASP A 139 -7.11 -3.89 6.22
C ASP A 139 -7.26 -3.71 7.72
N THR A 140 -6.15 -3.90 8.44
CA THR A 140 -6.09 -3.77 9.89
C THR A 140 -4.97 -2.82 10.29
N ALA A 141 -5.09 -2.24 11.50
CA ALA A 141 -4.06 -1.40 12.08
C ALA A 141 -2.90 -2.30 12.52
N HIS A 142 -3.23 -3.48 13.11
CA HIS A 142 -2.26 -4.45 13.63
C HIS A 142 -2.54 -5.86 13.10
N GLY A 143 -1.84 -6.20 12.01
CA GLY A 143 -1.93 -7.48 11.33
C GLY A 143 -1.43 -8.67 12.11
N HIS A 144 -0.55 -8.46 13.11
CA HIS A 144 -0.01 -9.54 13.94
C HIS A 144 -0.90 -9.89 15.16
N SER A 145 -2.22 -9.77 14.97
N SER A 145 -2.23 -9.76 15.00
CA SER A 145 -3.26 -10.05 15.96
CA SER A 145 -3.19 -10.07 16.05
C SER A 145 -3.88 -11.44 15.73
C SER A 145 -3.88 -11.41 15.75
N LYS A 146 -4.39 -12.08 16.81
CA LYS A 146 -5.05 -13.39 16.74
C LYS A 146 -6.28 -13.36 15.83
N GLY A 147 -7.09 -12.30 15.95
CA GLY A 147 -8.28 -12.07 15.15
C GLY A 147 -8.03 -11.97 13.67
N VAL A 148 -6.85 -11.43 13.28
CA VAL A 148 -6.44 -11.29 11.88
C VAL A 148 -6.00 -12.66 11.34
N ILE A 149 -5.13 -13.38 12.10
CA ILE A 149 -4.61 -14.71 11.76
C ILE A 149 -5.76 -15.67 11.41
N ASP A 150 -6.77 -15.75 12.30
CA ASP A 150 -7.96 -16.59 12.14
C ASP A 150 -8.75 -16.17 10.90
N GLN A 151 -8.97 -14.85 10.71
CA GLN A 151 -9.68 -14.30 9.55
C GLN A 151 -8.98 -14.57 8.22
N VAL A 152 -7.63 -14.57 8.20
CA VAL A 152 -6.82 -14.88 7.01
C VAL A 152 -7.09 -16.33 6.58
N LYS A 153 -7.10 -17.27 7.56
CA LYS A 153 -7.37 -18.70 7.36
C LYS A 153 -8.77 -18.91 6.77
N HIS A 154 -9.79 -18.23 7.35
CA HIS A 154 -11.21 -18.31 6.96
C HIS A 154 -11.47 -17.83 5.53
N ILE A 155 -10.92 -16.66 5.13
CA ILE A 155 -11.11 -16.09 3.79
C ILE A 155 -10.55 -17.04 2.72
N LYS A 156 -9.34 -17.57 2.93
CA LYS A 156 -8.69 -18.50 2.00
C LYS A 156 -9.38 -19.88 1.96
N LYS A 157 -10.08 -20.25 3.05
CA LYS A 157 -10.81 -21.53 3.13
C LYS A 157 -12.19 -21.41 2.45
N THR A 158 -12.78 -20.21 2.49
CA THR A 158 -14.08 -19.92 1.88
C THR A 158 -13.90 -19.62 0.37
N TYR A 159 -13.00 -18.67 0.03
CA TYR A 159 -12.75 -18.26 -1.36
C TYR A 159 -11.25 -18.46 -1.72
N PRO A 160 -10.79 -19.71 -2.00
CA PRO A 160 -9.36 -19.89 -2.35
C PRO A 160 -8.96 -19.33 -3.72
N GLU A 161 -9.95 -19.10 -4.61
CA GLU A 161 -9.74 -18.56 -5.95
C GLU A 161 -9.40 -17.06 -5.99
N ILE A 162 -9.70 -16.33 -4.90
CA ILE A 162 -9.43 -14.89 -4.81
C ILE A 162 -8.12 -14.62 -4.06
N THR A 163 -7.24 -13.78 -4.65
CA THR A 163 -5.96 -13.36 -4.09
C THR A 163 -6.20 -12.63 -2.77
N LEU A 164 -5.52 -13.05 -1.71
CA LEU A 164 -5.64 -12.46 -0.39
C LEU A 164 -4.41 -11.64 0.01
N VAL A 165 -4.65 -10.37 0.40
CA VAL A 165 -3.63 -9.43 0.89
C VAL A 165 -3.96 -9.24 2.37
N ALA A 166 -2.95 -9.38 3.23
CA ALA A 166 -3.13 -9.24 4.68
C ALA A 166 -2.10 -8.28 5.29
N GLY A 167 -2.55 -7.52 6.28
CA GLY A 167 -1.71 -6.55 6.99
C GLY A 167 -2.46 -5.72 8.00
N ASN A 168 -1.82 -4.69 8.59
CA ASN A 168 -0.44 -4.28 8.32
C ASN A 168 0.55 -4.88 9.33
N VAL A 169 1.78 -5.16 8.88
CA VAL A 169 2.87 -5.71 9.71
C VAL A 169 4.18 -4.92 9.53
N ALA A 170 5.19 -5.18 10.37
CA ALA A 170 6.48 -4.48 10.30
C ALA A 170 7.71 -5.32 10.72
N THR A 171 7.53 -6.64 10.88
CA THR A 171 8.59 -7.58 11.28
C THR A 171 8.58 -8.83 10.38
N ALA A 172 9.68 -9.63 10.44
CA ALA A 172 9.77 -10.89 9.69
C ALA A 172 8.81 -11.93 10.28
N GLU A 173 8.75 -12.02 11.64
CA GLU A 173 7.87 -12.93 12.38
C GLU A 173 6.40 -12.75 12.01
N ALA A 174 5.94 -11.49 11.93
CA ALA A 174 4.56 -11.16 11.55
C ALA A 174 4.29 -11.50 10.09
N THR A 175 5.31 -11.33 9.22
CA THR A 175 5.24 -11.62 7.78
C THR A 175 5.18 -13.15 7.55
N LYS A 176 5.90 -13.92 8.40
CA LYS A 176 5.96 -15.38 8.40
C LYS A 176 4.59 -15.94 8.71
N ASP A 177 4.02 -15.52 9.86
CA ASP A 177 2.72 -15.94 10.38
C ASP A 177 1.57 -15.73 9.40
N LEU A 178 1.47 -14.54 8.80
CA LEU A 178 0.40 -14.24 7.83
C LEU A 178 0.49 -15.10 6.57
N PHE A 179 1.72 -15.33 6.07
CA PHE A 179 1.96 -16.18 4.91
C PHE A 179 1.63 -17.64 5.22
N GLU A 180 1.90 -18.06 6.48
CA GLU A 180 1.61 -19.41 6.99
C GLU A 180 0.10 -19.58 7.23
N ALA A 181 -0.62 -18.50 7.57
CA ALA A 181 -2.06 -18.52 7.82
C ALA A 181 -2.89 -18.61 6.54
N GLY A 182 -2.36 -18.09 5.43
CA GLY A 182 -3.03 -18.14 4.14
C GLY A 182 -2.95 -16.91 3.26
N ALA A 183 -2.14 -15.89 3.64
CA ALA A 183 -2.00 -14.68 2.84
C ALA A 183 -1.08 -14.90 1.64
N ASP A 184 -1.44 -14.30 0.50
CA ASP A 184 -0.65 -14.37 -0.73
C ASP A 184 0.34 -13.22 -0.73
N ILE A 185 -0.13 -12.02 -0.31
CA ILE A 185 0.64 -10.78 -0.25
C ILE A 185 0.54 -10.19 1.17
N VAL A 186 1.68 -9.77 1.74
CA VAL A 186 1.74 -9.15 3.07
C VAL A 186 1.96 -7.63 2.92
N LYS A 187 1.13 -6.83 3.61
CA LYS A 187 1.15 -5.37 3.58
C LYS A 187 2.04 -4.83 4.72
N VAL A 188 3.13 -4.15 4.36
CA VAL A 188 4.13 -3.63 5.30
C VAL A 188 3.98 -2.15 5.57
N GLY A 189 3.78 -1.82 6.84
CA GLY A 189 3.65 -0.44 7.29
C GLY A 189 2.97 -0.27 8.63
N ILE A 190 3.76 0.00 9.68
CA ILE A 190 3.28 0.29 11.03
C ILE A 190 3.89 1.65 11.42
N GLY A 191 3.06 2.69 11.33
CA GLY A 191 3.40 4.07 11.65
C GLY A 191 4.09 4.98 10.63
N PRO A 192 4.34 4.63 9.34
CA PRO A 192 5.04 5.59 8.47
C PRO A 192 4.18 6.65 7.76
N GLY A 193 2.87 6.39 7.63
CA GLY A 193 1.91 7.25 6.94
C GLY A 193 1.95 8.73 7.30
N SER A 194 1.83 9.60 6.28
CA SER A 194 1.83 11.07 6.47
C SER A 194 0.78 11.54 7.49
N ILE A 195 -0.44 10.97 7.40
CA ILE A 195 -1.58 11.28 8.27
C ILE A 195 -1.64 10.42 9.54
N CYS A 196 -0.62 9.59 9.77
CA CYS A 196 -0.53 8.68 10.92
C CYS A 196 0.03 9.37 12.17
N THR A 197 -0.58 9.08 13.34
CA THR A 197 -0.15 9.56 14.66
C THR A 197 0.06 8.38 15.63
N THR A 198 0.15 7.14 15.11
CA THR A 198 0.37 5.91 15.90
C THR A 198 1.69 5.98 16.67
N ARG A 199 2.71 6.66 16.09
CA ARG A 199 4.01 6.84 16.72
C ARG A 199 3.87 7.70 17.97
N VAL A 200 3.07 8.77 17.87
N VAL A 200 3.09 8.81 17.91
CA VAL A 200 2.81 9.78 18.90
CA VAL A 200 2.92 9.70 19.07
C VAL A 200 1.80 9.28 19.95
C VAL A 200 1.80 9.24 20.03
N VAL A 201 0.74 8.60 19.51
CA VAL A 201 -0.36 8.10 20.34
C VAL A 201 -0.01 6.75 21.01
N ALA A 202 0.51 5.78 20.24
CA ALA A 202 0.82 4.45 20.78
C ALA A 202 2.31 4.18 21.09
N GLY A 203 3.21 5.08 20.68
CA GLY A 203 4.66 4.96 20.89
C GLY A 203 5.28 3.80 20.13
N VAL A 204 4.55 3.31 19.13
CA VAL A 204 4.82 2.14 18.31
C VAL A 204 5.09 2.55 16.86
N GLY A 205 5.95 1.78 16.21
CA GLY A 205 6.30 1.96 14.82
C GLY A 205 7.65 1.38 14.51
N VAL A 206 7.87 1.10 13.22
CA VAL A 206 9.15 0.60 12.71
C VAL A 206 9.46 1.42 11.44
N PRO A 207 10.53 2.25 11.47
CA PRO A 207 10.89 3.04 10.28
C PRO A 207 10.85 2.22 8.99
N GLN A 208 10.00 2.68 8.05
CA GLN A 208 9.56 2.00 6.83
C GLN A 208 10.65 1.31 5.99
N ILE A 209 11.83 1.91 5.79
CA ILE A 209 12.87 1.27 5.00
C ILE A 209 13.28 -0.07 5.63
N THR A 210 13.54 -0.09 6.94
CA THR A 210 13.89 -1.30 7.69
C THR A 210 12.71 -2.28 7.73
N ALA A 211 11.49 -1.78 7.96
CA ALA A 211 10.28 -2.60 7.99
C ALA A 211 10.13 -3.38 6.70
N ILE A 212 10.28 -2.71 5.53
CA ILE A 212 10.20 -3.32 4.21
C ILE A 212 11.29 -4.39 4.10
N TYR A 213 12.54 -4.04 4.48
CA TYR A 213 13.71 -4.92 4.41
C TYR A 213 13.57 -6.18 5.26
N ASP A 214 13.18 -6.06 6.54
CA ASP A 214 13.01 -7.22 7.43
C ASP A 214 11.89 -8.14 6.95
N CYS A 215 10.82 -7.56 6.39
CA CYS A 215 9.66 -8.30 5.88
C CYS A 215 9.96 -9.00 4.56
N ALA A 216 10.63 -8.29 3.63
CA ALA A 216 11.05 -8.83 2.33
C ALA A 216 12.09 -9.94 2.49
N THR A 217 12.91 -9.89 3.58
CA THR A 217 13.90 -10.93 3.92
C THR A 217 13.12 -12.22 4.20
N GLU A 218 11.98 -12.12 4.91
CA GLU A 218 11.11 -13.24 5.22
C GLU A 218 10.36 -13.74 3.98
N ALA A 219 9.73 -12.83 3.20
CA ALA A 219 8.98 -13.13 1.97
C ALA A 219 9.78 -13.91 0.92
N ARG A 220 11.10 -13.63 0.82
CA ARG A 220 12.03 -14.30 -0.08
C ARG A 220 12.17 -15.80 0.27
N LYS A 221 11.89 -16.17 1.54
CA LYS A 221 11.95 -17.55 2.06
C LYS A 221 10.62 -18.30 1.78
N HIS A 222 9.59 -17.57 1.29
CA HIS A 222 8.27 -18.13 0.96
C HIS A 222 7.95 -17.93 -0.53
N GLY A 223 8.72 -17.09 -1.21
CA GLY A 223 8.52 -16.75 -2.61
C GLY A 223 7.27 -15.91 -2.85
N LYS A 224 6.79 -15.23 -1.79
CA LYS A 224 5.57 -14.41 -1.84
C LYS A 224 5.86 -12.90 -1.89
N ALA A 225 4.81 -12.10 -2.18
CA ALA A 225 4.92 -10.66 -2.39
C ALA A 225 4.66 -9.77 -1.18
N ILE A 226 5.35 -8.61 -1.18
N ILE A 226 5.36 -8.62 -1.12
CA ILE A 226 5.33 -7.57 -0.15
CA ILE A 226 5.15 -7.65 -0.06
C ILE A 226 4.76 -6.26 -0.72
C ILE A 226 4.77 -6.30 -0.64
N ILE A 227 3.86 -5.60 0.03
CA ILE A 227 3.32 -4.31 -0.35
C ILE A 227 3.95 -3.24 0.59
N ALA A 228 4.77 -2.33 0.02
CA ALA A 228 5.40 -1.23 0.79
C ALA A 228 4.33 -0.17 0.95
N ASP A 229 3.73 -0.13 2.15
CA ASP A 229 2.59 0.73 2.45
C ASP A 229 2.88 1.92 3.38
N GLY A 230 2.81 3.13 2.81
CA GLY A 230 2.92 4.39 3.55
C GLY A 230 4.27 5.06 3.66
N GLY A 231 4.23 6.36 3.91
CA GLY A 231 5.40 7.21 4.13
C GLY A 231 6.04 7.76 2.87
N ILE A 232 5.51 7.41 1.69
CA ILE A 232 6.03 7.89 0.42
C ILE A 232 5.55 9.33 0.18
N LYS A 233 6.52 10.24 0.00
CA LYS A 233 6.28 11.68 -0.20
C LYS A 233 6.54 12.10 -1.63
N PHE A 234 7.48 11.42 -2.31
CA PHE A 234 7.91 11.71 -3.69
C PHE A 234 8.25 10.41 -4.43
N SER A 235 8.49 10.53 -5.74
CA SER A 235 8.88 9.43 -6.65
C SER A 235 10.17 8.73 -6.19
N GLY A 236 11.08 9.49 -5.57
CA GLY A 236 12.33 8.98 -5.01
C GLY A 236 12.11 7.98 -3.89
N ASP A 237 11.02 8.16 -3.12
CA ASP A 237 10.64 7.26 -2.03
C ASP A 237 9.97 6.00 -2.62
N ILE A 238 9.48 6.08 -3.87
CA ILE A 238 8.88 4.92 -4.52
C ILE A 238 9.97 3.93 -4.87
N ILE A 239 11.02 4.38 -5.57
CA ILE A 239 12.14 3.53 -5.94
C ILE A 239 12.90 3.02 -4.68
N LYS A 240 13.03 3.85 -3.60
CA LYS A 240 13.67 3.47 -2.32
C LYS A 240 12.90 2.33 -1.68
N ALA A 241 11.57 2.46 -1.62
CA ALA A 241 10.67 1.44 -1.04
C ALA A 241 10.79 0.12 -1.82
N LEU A 242 10.80 0.20 -3.16
CA LEU A 242 10.90 -0.97 -4.02
C LEU A 242 12.27 -1.64 -3.94
N ALA A 243 13.35 -0.84 -3.93
CA ALA A 243 14.72 -1.34 -3.86
C ALA A 243 15.05 -1.97 -2.51
N ALA A 244 14.32 -1.57 -1.44
CA ALA A 244 14.48 -2.12 -0.10
C ALA A 244 13.86 -3.51 0.02
N GLY A 245 13.07 -3.90 -0.99
CA GLY A 245 12.42 -5.20 -1.05
C GLY A 245 10.96 -5.25 -1.49
N GLY A 246 10.29 -4.09 -1.51
CA GLY A 246 8.88 -3.98 -1.89
C GLY A 246 8.56 -4.36 -3.32
N HIS A 247 7.49 -5.13 -3.51
CA HIS A 247 7.08 -5.54 -4.87
C HIS A 247 6.28 -4.44 -5.55
N ALA A 248 5.42 -3.76 -4.79
CA ALA A 248 4.61 -2.63 -5.23
C ALA A 248 4.41 -1.64 -4.06
N VAL A 249 4.11 -0.36 -4.39
CA VAL A 249 3.90 0.71 -3.40
C VAL A 249 2.43 1.09 -3.26
N MET A 250 2.01 1.45 -2.03
CA MET A 250 0.67 1.92 -1.71
C MET A 250 0.75 3.40 -1.40
N LEU A 251 0.03 4.22 -2.19
CA LEU A 251 0.03 5.67 -2.03
C LEU A 251 -1.31 6.18 -1.56
N GLY A 252 -1.26 7.03 -0.53
CA GLY A 252 -2.42 7.69 0.04
C GLY A 252 -2.40 9.19 -0.23
N SER A 253 -1.44 9.89 0.39
N SER A 253 -1.43 9.90 0.39
CA SER A 253 -1.24 11.33 0.30
CA SER A 253 -1.26 11.34 0.29
C SER A 253 -1.01 11.87 -1.11
C SER A 253 -1.03 11.86 -1.13
N LEU A 254 -0.19 11.17 -1.90
CA LEU A 254 0.16 11.57 -3.28
C LEU A 254 -0.99 11.46 -4.30
N LEU A 255 -2.02 10.67 -3.99
CA LEU A 255 -3.16 10.49 -4.91
C LEU A 255 -4.50 11.05 -4.39
N ALA A 256 -4.49 11.69 -3.21
CA ALA A 256 -5.70 12.25 -2.60
C ALA A 256 -6.06 13.65 -3.12
N GLY A 257 -5.11 14.29 -3.79
CA GLY A 257 -5.27 15.62 -4.36
C GLY A 257 -5.84 15.59 -5.77
N THR A 258 -5.73 14.43 -6.44
CA THR A 258 -6.23 14.22 -7.79
C THR A 258 -7.77 14.23 -7.83
N GLU A 259 -8.34 14.68 -8.98
CA GLU A 259 -9.79 14.78 -9.19
C GLU A 259 -10.54 13.44 -8.99
N GLU A 260 -9.90 12.34 -9.38
CA GLU A 260 -10.40 10.96 -9.30
C GLU A 260 -10.70 10.48 -7.86
N SER A 261 -10.09 11.11 -6.83
CA SER A 261 -10.32 10.77 -5.42
C SER A 261 -11.75 11.16 -4.99
N PRO A 262 -12.41 10.36 -4.10
CA PRO A 262 -13.80 10.66 -3.71
C PRO A 262 -14.09 12.03 -3.09
N GLY A 263 -13.07 12.66 -2.51
CA GLY A 263 -13.18 13.98 -1.88
C GLY A 263 -13.68 15.06 -2.81
N ALA A 264 -14.53 15.95 -2.28
CA ALA A 264 -15.11 17.06 -3.04
C ALA A 264 -14.13 18.24 -3.07
N THR A 265 -13.94 18.84 -4.27
CA THR A 265 -13.03 19.98 -4.48
C THR A 265 -13.60 21.22 -3.80
N GLU A 266 -12.77 21.87 -2.97
CA GLU A 266 -13.13 23.07 -2.22
C GLU A 266 -12.15 24.21 -2.52
N ILE A 267 -12.47 25.43 -2.06
CA ILE A 267 -11.63 26.61 -2.26
C ILE A 267 -11.45 27.39 -0.94
N PHE A 268 -10.22 27.89 -0.71
CA PHE A 268 -9.84 28.66 0.49
C PHE A 268 -8.75 29.65 0.11
N GLN A 269 -9.07 30.96 0.17
CA GLN A 269 -8.20 32.10 -0.18
C GLN A 269 -7.71 32.02 -1.65
N GLY A 270 -8.65 31.68 -2.54
CA GLY A 270 -8.41 31.54 -3.97
C GLY A 270 -7.56 30.35 -4.37
N ARG A 271 -7.38 29.40 -3.44
CA ARG A 271 -6.57 28.19 -3.63
C ARG A 271 -7.42 26.92 -3.50
N GLN A 272 -7.33 26.03 -4.50
CA GLN A 272 -8.08 24.77 -4.55
C GLN A 272 -7.47 23.70 -3.66
N TYR A 273 -8.31 23.04 -2.83
N TYR A 273 -8.31 23.02 -2.86
CA TYR A 273 -7.89 21.98 -1.91
CA TYR A 273 -7.89 21.95 -1.97
C TYR A 273 -8.85 20.78 -1.89
C TYR A 273 -8.84 20.75 -1.97
N LYS A 274 -8.32 19.59 -1.57
CA LYS A 274 -9.07 18.34 -1.43
C LYS A 274 -8.73 17.79 -0.06
N VAL A 275 -9.75 17.43 0.74
CA VAL A 275 -9.57 16.91 2.09
C VAL A 275 -8.97 15.48 2.08
N TYR A 276 -7.93 15.26 2.91
CA TYR A 276 -7.28 13.96 3.06
C TYR A 276 -7.16 13.63 4.55
N ARG A 277 -7.83 12.56 4.99
CA ARG A 277 -7.83 12.14 6.39
C ARG A 277 -7.45 10.67 6.58
N GLY A 278 -6.92 10.35 7.75
CA GLY A 278 -6.59 8.98 8.11
C GLY A 278 -7.84 8.17 8.36
N MET A 279 -7.77 6.86 8.15
CA MET A 279 -8.88 5.93 8.38
C MET A 279 -9.14 5.72 9.89
N GLY A 280 -8.25 6.24 10.72
CA GLY A 280 -8.31 6.19 12.18
C GLY A 280 -8.47 7.55 12.82
N SER A 281 -8.92 8.54 12.02
CA SER A 281 -9.20 9.90 12.49
C SER A 281 -10.67 9.92 12.95
N LEU A 282 -11.07 10.94 13.73
CA LEU A 282 -12.44 11.08 14.25
C LEU A 282 -13.53 10.98 13.16
N GLY A 283 -13.36 11.74 12.07
CA GLY A 283 -14.26 11.78 10.93
C GLY A 283 -14.52 10.46 10.22
N ALA A 284 -13.46 9.66 10.00
CA ALA A 284 -13.56 8.36 9.34
C ALA A 284 -14.22 7.31 10.23
N MET A 285 -13.93 7.34 11.56
CA MET A 285 -14.50 6.41 12.54
C MET A 285 -16.02 6.59 12.73
N GLU A 286 -16.57 7.76 12.33
CA GLU A 286 -18.01 8.08 12.41
C GLU A 286 -18.78 7.29 11.35
N LYS A 302 -14.97 2.94 22.97
CA LYS A 302 -14.60 3.54 21.70
C LYS A 302 -13.08 3.75 21.58
N PHE A 303 -12.54 3.54 20.36
CA PHE A 303 -11.11 3.68 20.05
C PHE A 303 -10.62 5.11 20.07
N VAL A 304 -9.40 5.31 20.62
CA VAL A 304 -8.73 6.61 20.67
C VAL A 304 -8.15 6.90 19.26
N PRO A 305 -8.30 8.13 18.70
CA PRO A 305 -7.81 8.38 17.34
C PRO A 305 -6.30 8.18 17.13
N GLU A 306 -5.95 7.49 16.03
CA GLU A 306 -4.58 7.20 15.62
C GLU A 306 -4.19 7.93 14.34
N GLY A 307 -5.13 8.66 13.77
CA GLY A 307 -4.95 9.45 12.56
C GLY A 307 -5.48 10.85 12.65
N ILE A 308 -5.06 11.72 11.72
CA ILE A 308 -5.49 13.12 11.69
C ILE A 308 -6.24 13.47 10.40
N GLU A 309 -7.00 14.59 10.44
CA GLU A 309 -7.79 15.12 9.34
C GLU A 309 -7.15 16.43 8.88
N GLY A 310 -6.84 16.52 7.60
CA GLY A 310 -6.20 17.70 7.01
C GLY A 310 -6.73 18.11 5.66
N ARG A 311 -5.91 18.87 4.91
CA ARG A 311 -6.23 19.40 3.58
C ARG A 311 -4.98 19.35 2.69
N THR A 312 -5.13 18.88 1.45
CA THR A 312 -4.04 18.79 0.47
C THR A 312 -4.41 19.50 -0.83
N ALA A 313 -3.43 20.16 -1.47
CA ALA A 313 -3.62 20.92 -2.70
C ALA A 313 -4.11 20.04 -3.85
N TYR A 314 -5.10 20.55 -4.62
CA TYR A 314 -5.69 19.89 -5.77
C TYR A 314 -4.60 19.69 -6.84
N LYS A 315 -4.37 18.44 -7.23
CA LYS A 315 -3.31 18.02 -8.16
C LYS A 315 -3.76 17.91 -9.62
N GLY A 316 -5.07 17.72 -9.83
CA GLY A 316 -5.66 17.58 -11.16
C GLY A 316 -5.89 16.14 -11.54
N ALA A 317 -5.63 15.80 -12.82
CA ALA A 317 -5.81 14.44 -13.34
C ALA A 317 -4.75 13.47 -12.82
N LEU A 318 -5.17 12.24 -12.43
CA LEU A 318 -4.33 11.14 -11.92
C LEU A 318 -3.17 10.86 -12.88
N GLN A 319 -3.50 10.74 -14.18
CA GLN A 319 -2.60 10.47 -15.29
C GLN A 319 -1.32 11.32 -15.22
N ASP A 320 -1.47 12.62 -14.90
CA ASP A 320 -0.36 13.60 -14.78
C ASP A 320 0.52 13.32 -13.56
N THR A 321 -0.12 12.94 -12.43
CA THR A 321 0.54 12.63 -11.16
C THR A 321 1.36 11.35 -11.32
N ILE A 322 0.75 10.29 -11.91
CA ILE A 322 1.41 9.00 -12.16
C ILE A 322 2.55 9.16 -13.17
N TYR A 323 2.35 9.98 -14.23
CA TYR A 323 3.40 10.25 -15.22
C TYR A 323 4.61 10.93 -14.57
N GLN A 324 4.37 11.84 -13.60
CA GLN A 324 5.47 12.52 -12.91
C GLN A 324 6.21 11.55 -11.99
N LEU A 325 5.44 10.73 -11.23
CA LEU A 325 5.98 9.74 -10.28
C LEU A 325 6.73 8.61 -10.94
N MET A 326 6.19 8.05 -12.04
CA MET A 326 6.83 6.93 -12.75
C MET A 326 8.04 7.38 -13.55
N GLY A 327 8.07 8.65 -13.92
CA GLY A 327 9.18 9.26 -14.65
C GLY A 327 10.40 9.36 -13.75
N GLY A 328 10.15 9.55 -12.45
CA GLY A 328 11.17 9.63 -11.41
C GLY A 328 11.72 8.26 -11.08
N VAL A 329 10.84 7.25 -11.08
CA VAL A 329 11.21 5.86 -10.84
C VAL A 329 12.03 5.35 -12.02
N ARG A 330 11.59 5.63 -13.26
CA ARG A 330 12.30 5.26 -14.49
C ARG A 330 13.69 5.84 -14.50
N ALA A 331 13.83 7.14 -14.11
CA ALA A 331 15.08 7.88 -14.01
C ALA A 331 16.06 7.20 -13.04
N GLY A 332 15.57 6.82 -11.86
CA GLY A 332 16.32 6.14 -10.81
C GLY A 332 16.76 4.75 -11.23
N MET A 333 15.91 4.05 -12.01
CA MET A 333 16.23 2.73 -12.53
C MET A 333 17.28 2.81 -13.61
N GLY A 334 17.35 3.96 -14.28
CA GLY A 334 18.38 4.27 -15.26
C GLY A 334 19.70 4.59 -14.56
N TYR A 335 19.62 5.18 -13.34
CA TYR A 335 20.78 5.51 -12.52
C TYR A 335 21.42 4.25 -11.91
N THR A 336 20.59 3.35 -11.38
CA THR A 336 20.98 2.09 -10.74
C THR A 336 21.25 0.95 -11.72
N GLY A 337 20.85 1.14 -12.98
CA GLY A 337 20.99 0.13 -14.04
C GLY A 337 20.07 -1.05 -13.81
N SER A 338 18.86 -0.77 -13.32
CA SER A 338 17.83 -1.76 -13.01
C SER A 338 16.86 -1.87 -14.17
N HIS A 339 17.06 -2.89 -15.04
CA HIS A 339 16.24 -3.13 -16.24
C HIS A 339 14.79 -3.47 -15.90
N ASP A 340 14.56 -4.05 -14.72
CA ASP A 340 13.24 -4.37 -14.18
C ASP A 340 13.22 -4.23 -12.65
N LEU A 341 12.08 -4.51 -12.01
CA LEU A 341 11.92 -4.40 -10.57
C LEU A 341 12.65 -5.50 -9.80
N ARG A 342 12.77 -6.72 -10.38
CA ARG A 342 13.49 -7.84 -9.76
C ARG A 342 14.99 -7.50 -9.59
N GLU A 343 15.59 -6.83 -10.58
N GLU A 343 15.58 -6.82 -10.58
CA GLU A 343 16.99 -6.40 -10.54
CA GLU A 343 16.97 -6.38 -10.59
C GLU A 343 17.20 -5.24 -9.56
C GLU A 343 17.20 -5.24 -9.58
N LEU A 344 16.14 -4.46 -9.28
CA LEU A 344 16.16 -3.35 -8.33
C LEU A 344 16.07 -3.94 -6.92
N ARG A 345 15.07 -4.80 -6.68
CA ARG A 345 14.81 -5.47 -5.42
C ARG A 345 15.96 -6.35 -4.94
N GLU A 346 16.69 -6.99 -5.87
CA GLU A 346 17.74 -7.95 -5.51
C GLU A 346 19.16 -7.42 -5.59
N GLU A 347 19.45 -6.43 -6.46
CA GLU A 347 20.82 -5.98 -6.65
C GLU A 347 21.13 -4.53 -6.26
N ALA A 348 20.13 -3.60 -6.24
CA ALA A 348 20.40 -2.20 -5.94
C ALA A 348 20.96 -1.96 -4.53
N GLN A 349 22.01 -1.14 -4.43
CA GLN A 349 22.67 -0.83 -3.15
C GLN A 349 22.38 0.59 -2.73
N PHE A 350 22.18 0.77 -1.42
CA PHE A 350 21.92 2.05 -0.80
C PHE A 350 23.12 2.52 0.00
N THR A 351 23.15 3.82 0.27
CA THR A 351 24.12 4.41 1.19
C THR A 351 23.36 5.11 2.30
N ARG A 352 23.92 5.08 3.51
CA ARG A 352 23.34 5.74 4.66
C ARG A 352 24.04 7.08 4.82
N MET A 353 23.30 8.09 5.29
N MET A 353 23.29 8.11 5.26
CA MET A 353 23.77 9.47 5.49
CA MET A 353 23.79 9.46 5.49
C MET A 353 23.05 10.12 6.66
C MET A 353 23.03 10.17 6.62
N GLY A 354 23.67 11.16 7.25
CA GLY A 354 23.10 11.92 8.35
C GLY A 354 22.08 12.96 7.92
N PRO A 355 21.53 13.78 8.85
CA PRO A 355 20.53 14.79 8.45
C PRO A 355 21.18 16.05 7.89
#